data_7BGS
#
_entry.id   7BGS
#
_cell.length_a   97.58
_cell.length_b   103.71
_cell.length_c   84.85
_cell.angle_alpha   90
_cell.angle_beta   90
_cell.angle_gamma   90
#
_symmetry.space_group_name_H-M   'C 2 2 21'
#
loop_
_entity.id
_entity.type
_entity.pdbx_description
1 polymer 'Holliday junction resolvase'
2 non-polymer 'SULFATE ION'
3 water water
#
_entity_poly.entity_id   1
_entity_poly.type   'polypeptide(L)'
_entity_poly.pdbx_seq_one_letter_code
;(MSE)SKDKGRRYENELVELLKQRGFTAWRVPLSGALGG(MSE)FSSDVRV(MSE)LAGQEHRVEVK(MSE)RSTPQAAS
ATRILSKLPFSCQGYRVFFLEALDSQSI(MSE)RGEACKKLPKNWVRWLNGAHILAVRLPKRFTSPYGGLTGWIIVLPDT
LWDAWRSE(MSE)SSDFTGLEHHHHHH
;
_entity_poly.pdbx_strand_id   A,B
#
loop_
_chem_comp.id
_chem_comp.type
_chem_comp.name
_chem_comp.formula
SO4 non-polymer 'SULFATE ION' 'O4 S -2'
#
# COMPACT_ATOMS: atom_id res chain seq x y z
N LYS A 5 -14.41 16.10 7.72
CA LYS A 5 -13.22 16.94 7.53
C LYS A 5 -12.35 16.42 6.37
N GLY A 6 -12.97 16.19 5.20
CA GLY A 6 -12.27 15.66 4.03
C GLY A 6 -12.27 14.14 3.99
N ARG A 7 -12.26 13.50 5.18
CA ARG A 7 -12.34 12.05 5.34
C ARG A 7 -13.76 11.52 5.02
N ARG A 8 -14.79 12.39 5.06
CA ARG A 8 -16.16 12.02 4.73
C ARG A 8 -16.26 11.50 3.28
N TYR A 9 -15.61 12.21 2.33
CA TYR A 9 -15.67 11.86 0.92
C TYR A 9 -14.78 10.68 0.56
N GLU A 10 -13.65 10.52 1.25
CA GLU A 10 -12.79 9.36 1.04
C GLU A 10 -13.51 8.09 1.47
N ASN A 11 -14.21 8.14 2.61
CA ASN A 11 -15.00 7.02 3.09
C ASN A 11 -16.16 6.72 2.14
N GLU A 12 -16.80 7.77 1.58
CA GLU A 12 -17.89 7.66 0.62
C GLU A 12 -17.41 6.97 -0.65
N LEU A 13 -16.24 7.34 -1.15
CA LEU A 13 -15.66 6.72 -2.33
C LEU A 13 -15.28 5.27 -2.05
N VAL A 14 -14.75 4.98 -0.86
CA VAL A 14 -14.38 3.61 -0.49
C VAL A 14 -15.63 2.73 -0.43
N GLU A 15 -16.74 3.23 0.16
CA GLU A 15 -17.97 2.45 0.21
C GLU A 15 -18.58 2.26 -1.18
N LEU A 16 -18.55 3.29 -2.05
CA LEU A 16 -19.06 3.18 -3.40
C LEU A 16 -18.25 2.15 -4.23
N LEU A 17 -16.92 2.13 -4.06
CA LEU A 17 -16.06 1.16 -4.77
C LEU A 17 -16.27 -0.26 -4.21
N LYS A 18 -16.41 -0.41 -2.90
CA LYS A 18 -16.66 -1.71 -2.29
C LYS A 18 -18.04 -2.23 -2.72
N GLN A 19 -19.03 -1.33 -2.93
CA GLN A 19 -20.35 -1.74 -3.39
C GLN A 19 -20.25 -2.32 -4.79
N ARG A 20 -19.45 -1.70 -5.67
CA ARG A 20 -19.25 -2.20 -7.04
C ARG A 20 -18.31 -3.42 -7.16
N GLY A 21 -17.89 -3.99 -6.04
CA GLY A 21 -17.05 -5.17 -6.03
C GLY A 21 -15.56 -4.97 -5.97
N PHE A 22 -15.09 -3.75 -5.69
CA PHE A 22 -13.66 -3.48 -5.59
C PHE A 22 -13.13 -3.67 -4.17
N THR A 23 -11.84 -4.02 -4.02
CA THR A 23 -11.22 -4.06 -2.70
C THR A 23 -10.58 -2.69 -2.53
N ALA A 24 -11.20 -1.83 -1.71
CA ALA A 24 -10.73 -0.47 -1.49
C ALA A 24 -10.67 -0.14 -0.01
N TRP A 25 -9.80 0.80 0.38
CA TRP A 25 -9.67 1.18 1.78
C TRP A 25 -9.04 2.56 1.97
N ARG A 26 -9.12 3.07 3.19
CA ARG A 26 -8.53 4.35 3.53
C ARG A 26 -7.41 4.03 4.53
N VAL A 27 -6.19 4.59 4.34
CA VAL A 27 -5.09 4.27 5.27
C VAL A 27 -5.15 5.12 6.54
N PRO A 28 -4.93 4.49 7.71
CA PRO A 28 -4.91 5.26 8.96
C PRO A 28 -3.79 6.30 9.03
N SER A 39 -3.36 11.15 -1.35
CA SER A 39 -3.65 9.75 -1.61
C SER A 39 -3.80 8.97 -0.31
N ASP A 40 -5.01 9.00 0.24
CA ASP A 40 -5.38 8.27 1.45
C ASP A 40 -6.18 6.99 1.13
N VAL A 41 -6.74 6.90 -0.09
CA VAL A 41 -7.51 5.77 -0.59
C VAL A 41 -6.63 4.82 -1.42
N ARG A 42 -6.81 3.51 -1.24
CA ARG A 42 -6.10 2.52 -2.02
C ARG A 42 -7.14 1.63 -2.69
N VAL A 43 -6.89 1.23 -3.94
CA VAL A 43 -7.79 0.31 -4.64
C VAL A 43 -6.99 -0.87 -5.24
N MSE A 44 -7.57 -2.07 -5.22
CA MSE A 44 -6.92 -3.25 -5.77
C MSE A 44 -7.45 -3.55 -7.17
O MSE A 44 -8.63 -3.88 -7.34
CB MSE A 44 -7.13 -4.45 -4.85
CG MSE A 44 -6.39 -4.31 -3.53
SE MSE A 44 -4.53 -4.89 -3.60
CE MSE A 44 -4.84 -6.72 -4.05
N LEU A 45 -6.59 -3.38 -8.18
CA LEU A 45 -6.93 -3.64 -9.58
C LEU A 45 -6.03 -4.76 -10.08
N ALA A 46 -6.65 -5.87 -10.53
CA ALA A 46 -5.95 -7.09 -10.97
C ALA A 46 -4.97 -7.61 -9.94
N GLY A 47 -5.24 -7.36 -8.66
CA GLY A 47 -4.35 -7.84 -7.61
C GLY A 47 -3.19 -6.92 -7.32
N GLN A 48 -3.26 -5.65 -7.76
CA GLN A 48 -2.22 -4.64 -7.55
C GLN A 48 -2.78 -3.44 -6.81
N GLU A 49 -2.03 -2.92 -5.82
CA GLU A 49 -2.46 -1.77 -5.01
C GLU A 49 -2.16 -0.42 -5.68
N HIS A 50 -3.21 0.44 -5.85
CA HIS A 50 -3.09 1.75 -6.49
C HIS A 50 -3.60 2.87 -5.59
N ARG A 51 -2.82 3.95 -5.52
CA ARG A 51 -3.19 5.13 -4.76
C ARG A 51 -4.24 5.86 -5.58
N VAL A 52 -5.30 6.31 -4.91
CA VAL A 52 -6.35 7.11 -5.52
C VAL A 52 -6.31 8.47 -4.83
N GLU A 53 -6.10 9.54 -5.58
CA GLU A 53 -6.09 10.91 -5.05
C GLU A 53 -7.52 11.39 -5.07
N VAL A 54 -8.02 11.91 -3.94
CA VAL A 54 -9.41 12.36 -3.82
C VAL A 54 -9.47 13.87 -3.72
N LYS A 55 -10.23 14.51 -4.62
CA LYS A 55 -10.43 15.96 -4.62
C LYS A 55 -11.94 16.24 -4.59
N MSE A 56 -12.39 17.16 -3.75
CA MSE A 56 -13.80 17.52 -3.67
C MSE A 56 -13.92 18.98 -3.98
O MSE A 56 -13.24 19.79 -3.34
CB MSE A 56 -14.38 17.23 -2.28
CG MSE A 56 -15.93 17.29 -2.23
SE MSE A 56 -16.82 19.08 -1.99
CE MSE A 56 -18.63 18.70 -2.77
N ARG A 57 -14.75 19.35 -4.96
CA ARG A 57 -14.97 20.75 -5.30
C ARG A 57 -16.46 21.08 -5.30
N SER A 58 -16.81 22.28 -4.83
CA SER A 58 -18.20 22.74 -4.73
C SER A 58 -18.93 23.02 -6.03
N THR A 59 -18.21 23.38 -7.09
CA THR A 59 -18.83 23.67 -8.38
C THR A 59 -17.98 23.09 -9.52
N PRO A 60 -18.57 22.85 -10.71
CA PRO A 60 -17.78 22.34 -11.83
C PRO A 60 -16.62 23.28 -12.20
N GLN A 61 -16.80 24.60 -12.04
CA GLN A 61 -15.79 25.61 -12.33
C GLN A 61 -14.61 25.46 -11.39
N ALA A 62 -14.86 25.20 -10.09
CA ALA A 62 -13.80 25.04 -9.10
C ALA A 62 -12.96 23.78 -9.37
N ALA A 63 -13.55 22.76 -10.00
CA ALA A 63 -12.88 21.52 -10.38
C ALA A 63 -12.41 21.50 -11.84
N SER A 64 -12.54 22.63 -12.59
CA SER A 64 -12.19 22.72 -14.01
C SER A 64 -12.91 21.63 -14.85
N ALA A 65 -14.19 21.36 -14.53
CA ALA A 65 -14.99 20.33 -15.19
C ALA A 65 -16.19 20.84 -16.00
N THR A 66 -16.39 22.14 -16.10
CA THR A 66 -17.51 22.73 -16.82
C THR A 66 -17.69 22.17 -18.26
N ARG A 67 -16.65 22.24 -19.06
CA ARG A 67 -16.67 21.71 -20.43
C ARG A 67 -16.52 20.16 -20.47
N ILE A 68 -16.12 19.53 -19.37
CA ILE A 68 -15.91 18.09 -19.28
C ILE A 68 -17.22 17.30 -19.19
N LEU A 69 -18.13 17.70 -18.28
CA LEU A 69 -19.38 17.02 -17.94
C LEU A 69 -20.15 16.46 -19.14
N SER A 70 -20.32 17.24 -20.21
CA SER A 70 -21.04 16.77 -21.40
C SER A 70 -20.28 15.79 -22.28
N LYS A 71 -18.95 15.70 -22.10
CA LYS A 71 -18.10 14.82 -22.88
C LYS A 71 -17.94 13.42 -22.28
N LEU A 72 -18.16 13.25 -20.96
CA LEU A 72 -17.99 11.96 -20.29
C LEU A 72 -18.93 10.89 -20.83
N PRO A 73 -18.44 9.65 -21.04
CA PRO A 73 -17.05 9.19 -20.90
C PRO A 73 -16.21 9.40 -22.14
N PHE A 74 -14.92 9.65 -21.95
CA PHE A 74 -13.97 9.87 -23.04
C PHE A 74 -12.55 9.50 -22.64
N SER A 75 -11.65 9.41 -23.61
CA SER A 75 -10.24 9.18 -23.35
C SER A 75 -9.50 10.44 -23.74
N CYS A 76 -8.63 10.93 -22.86
CA CYS A 76 -7.90 12.17 -23.11
C CYS A 76 -6.53 12.13 -22.45
N GLN A 77 -5.50 12.37 -23.23
CA GLN A 77 -4.10 12.39 -22.81
C GLN A 77 -3.63 11.11 -22.11
N GLY A 78 -4.26 9.99 -22.42
CA GLY A 78 -3.86 8.71 -21.87
C GLY A 78 -4.66 8.26 -20.66
N TYR A 79 -5.80 8.91 -20.43
CA TYR A 79 -6.67 8.61 -19.30
C TYR A 79 -8.12 8.41 -19.76
N ARG A 80 -8.90 7.55 -19.09
CA ARG A 80 -10.32 7.35 -19.38
C ARG A 80 -11.04 8.10 -18.27
N VAL A 81 -11.80 9.14 -18.65
CA VAL A 81 -12.50 9.98 -17.69
C VAL A 81 -13.97 9.63 -17.74
N PHE A 82 -14.55 9.23 -16.62
CA PHE A 82 -15.94 8.79 -16.59
C PHE A 82 -16.59 9.01 -15.24
N PHE A 83 -17.92 8.95 -15.20
CA PHE A 83 -18.67 9.06 -13.95
C PHE A 83 -18.58 7.70 -13.28
N LEU A 84 -18.32 7.67 -11.97
CA LEU A 84 -18.14 6.44 -11.21
C LEU A 84 -19.06 5.27 -11.62
N GLU A 85 -20.36 5.49 -11.66
CA GLU A 85 -21.36 4.50 -12.07
C GLU A 85 -21.16 4.06 -13.54
N CYS A 98 -7.65 17.74 -26.21
CA CYS A 98 -9.02 17.32 -26.44
C CYS A 98 -10.07 18.34 -25.94
N LYS A 100 -6.15 18.58 -24.76
CA LYS A 100 -5.49 18.17 -23.52
C LYS A 100 -6.44 18.25 -22.32
N LEU A 101 -6.24 17.39 -21.30
CA LEU A 101 -6.98 17.27 -20.01
C LEU A 101 -6.96 18.62 -19.24
N PRO A 102 -7.91 18.90 -18.31
CA PRO A 102 -7.81 20.15 -17.52
C PRO A 102 -6.48 20.21 -16.75
N LYS A 103 -5.74 21.32 -16.87
CA LYS A 103 -4.39 21.45 -16.29
C LYS A 103 -4.38 21.28 -14.75
N ASN A 104 -5.51 21.62 -14.09
CA ASN A 104 -5.69 21.46 -12.65
C ASN A 104 -5.55 19.97 -12.25
N TRP A 105 -6.09 19.08 -13.08
CA TRP A 105 -6.13 17.64 -12.91
C TRP A 105 -4.77 16.96 -12.96
N VAL A 106 -3.87 17.40 -13.85
CA VAL A 106 -2.52 16.82 -13.93
C VAL A 106 -1.76 17.11 -12.62
N ARG A 107 -1.93 18.33 -12.08
CA ARG A 107 -1.31 18.75 -10.82
C ARG A 107 -1.91 17.96 -9.63
N TRP A 108 -3.23 17.68 -9.68
CA TRP A 108 -3.93 16.94 -8.63
C TRP A 108 -3.52 15.48 -8.52
N LEU A 109 -3.08 14.87 -9.64
CA LEU A 109 -2.60 13.50 -9.61
C LEU A 109 -1.36 13.40 -8.67
N ASN A 110 -0.48 14.41 -8.74
CA ASN A 110 0.67 14.62 -7.87
C ASN A 110 1.55 13.40 -7.57
N GLY A 111 1.56 12.42 -8.46
CA GLY A 111 2.37 11.23 -8.25
C GLY A 111 1.53 9.98 -8.34
N ALA A 112 0.28 10.05 -7.84
CA ALA A 112 -0.66 8.94 -7.95
C ALA A 112 -1.06 8.74 -9.45
N HIS A 113 -1.76 7.65 -9.79
CA HIS A 113 -2.15 7.42 -11.18
C HIS A 113 -3.66 7.48 -11.38
N ILE A 114 -4.45 7.39 -10.31
CA ILE A 114 -5.91 7.47 -10.38
C ILE A 114 -6.34 8.72 -9.61
N LEU A 115 -7.30 9.46 -10.17
CA LEU A 115 -7.83 10.65 -9.53
C LEU A 115 -9.37 10.54 -9.45
N ALA A 116 -9.92 10.81 -8.27
CA ALA A 116 -11.36 10.79 -8.05
C ALA A 116 -11.81 12.20 -7.66
N VAL A 117 -12.59 12.86 -8.53
CA VAL A 117 -13.07 14.20 -8.29
C VAL A 117 -14.54 14.13 -7.90
N ARG A 118 -14.91 14.73 -6.78
CA ARG A 118 -16.27 14.74 -6.29
C ARG A 118 -16.85 16.14 -6.44
N LEU A 119 -18.01 16.24 -7.09
CA LEU A 119 -18.78 17.48 -7.28
C LEU A 119 -20.15 17.24 -6.65
N PRO A 120 -20.93 18.29 -6.30
CA PRO A 120 -22.31 18.05 -5.83
C PRO A 120 -23.14 17.33 -6.91
N LYS A 121 -23.93 16.32 -6.54
CA LYS A 121 -24.74 15.55 -7.50
C LYS A 121 -25.67 16.41 -8.35
N ARG A 122 -26.08 17.59 -7.85
CA ARG A 122 -26.94 18.46 -8.65
C ARG A 122 -26.29 18.93 -9.94
N PHE A 123 -24.98 18.88 -10.03
CA PHE A 123 -24.22 19.33 -11.18
C PHE A 123 -23.95 18.16 -12.14
N THR A 124 -23.65 16.99 -11.59
CA THR A 124 -23.32 15.83 -12.41
C THR A 124 -24.54 15.06 -12.85
N SER A 125 -25.57 15.01 -12.03
CA SER A 125 -26.75 14.21 -12.32
C SER A 125 -27.38 14.51 -13.68
N PRO A 126 -27.63 15.77 -14.17
CA PRO A 126 -28.22 15.92 -15.51
C PRO A 126 -27.38 15.34 -16.67
N TYR A 127 -26.12 15.06 -16.41
CA TYR A 127 -25.19 14.47 -17.36
C TYR A 127 -25.01 12.95 -17.18
N GLY A 128 -25.64 12.35 -16.17
CA GLY A 128 -25.56 10.91 -15.92
C GLY A 128 -24.74 10.50 -14.72
N GLY A 129 -24.18 11.45 -14.00
CA GLY A 129 -23.40 11.15 -12.81
C GLY A 129 -24.26 11.26 -11.57
N LEU A 130 -24.92 10.17 -11.21
CA LEU A 130 -25.75 10.04 -10.02
C LEU A 130 -25.02 10.20 -8.71
N THR A 131 -23.77 9.76 -8.61
CA THR A 131 -23.00 9.82 -7.36
C THR A 131 -22.21 11.11 -7.17
N GLY A 132 -21.93 11.84 -8.22
CA GLY A 132 -21.17 13.08 -8.12
C GLY A 132 -19.68 12.91 -8.35
N TRP A 133 -19.20 11.67 -8.55
CA TRP A 133 -17.79 11.33 -8.74
C TRP A 133 -17.40 11.16 -10.19
N ILE A 134 -16.24 11.69 -10.53
CA ILE A 134 -15.60 11.54 -11.82
C ILE A 134 -14.29 10.81 -11.56
N ILE A 135 -14.06 9.68 -12.25
CA ILE A 135 -12.85 8.90 -12.13
C ILE A 135 -11.95 9.20 -13.33
N VAL A 136 -10.68 9.45 -13.07
CA VAL A 136 -9.63 9.72 -14.06
C VAL A 136 -8.58 8.56 -13.93
N LEU A 137 -8.70 7.56 -14.82
CA LEU A 137 -7.97 6.29 -14.75
C LEU A 137 -7.02 6.09 -15.91
N PRO A 138 -5.77 5.63 -15.70
CA PRO A 138 -4.86 5.41 -16.84
C PRO A 138 -5.42 4.39 -17.82
N ASP A 139 -5.12 4.54 -19.12
CA ASP A 139 -5.61 3.59 -20.12
C ASP A 139 -5.07 2.17 -19.89
N THR A 140 -3.88 2.03 -19.28
CA THR A 140 -3.35 0.70 -18.96
C THR A 140 -4.24 -0.02 -17.92
N LEU A 141 -4.86 0.74 -17.01
CA LEU A 141 -5.66 0.15 -15.96
C LEU A 141 -7.12 -0.09 -16.31
N TRP A 142 -7.59 0.37 -17.49
CA TRP A 142 -8.99 0.24 -17.89
C TRP A 142 -9.47 -1.20 -18.01
N ASP A 143 -8.62 -2.09 -18.50
CA ASP A 143 -8.98 -3.50 -18.63
C ASP A 143 -9.17 -4.12 -17.25
N ALA A 144 -8.21 -3.90 -16.33
CA ALA A 144 -8.27 -4.42 -14.96
C ALA A 144 -9.37 -3.79 -14.10
N TRP A 145 -9.80 -2.56 -14.45
CA TRP A 145 -10.86 -1.86 -13.74
C TRP A 145 -12.21 -2.43 -14.16
N ARG A 146 -12.40 -2.67 -15.46
CA ARG A 146 -13.64 -3.22 -15.99
C ARG A 146 -13.90 -4.60 -15.39
N SER A 147 -12.90 -5.50 -15.42
CA SER A 147 -13.03 -6.89 -14.95
C SER A 147 -13.00 -7.04 -13.42
N GLU A 148 -13.41 -6.00 -12.71
CA GLU A 148 -13.56 -5.98 -11.26
C GLU A 148 -14.98 -5.55 -10.83
N MSE A 149 -15.91 -5.33 -11.79
CA MSE A 149 -17.29 -4.95 -11.59
C MSE A 149 -18.25 -6.09 -12.01
O MSE A 149 -17.82 -7.16 -12.47
CB MSE A 149 -17.61 -3.68 -12.38
CG MSE A 149 -17.18 -2.41 -11.66
SE MSE A 149 -17.48 -0.79 -12.74
CE MSE A 149 -17.58 0.60 -11.34
N LYS B 5 0.42 -22.09 1.29
CA LYS B 5 1.10 -21.99 0.00
C LYS B 5 1.71 -20.60 -0.21
N GLY B 6 2.58 -20.21 0.72
CA GLY B 6 3.27 -18.91 0.70
C GLY B 6 2.50 -17.78 1.37
N ARG B 7 1.19 -17.67 1.08
CA ARG B 7 0.32 -16.68 1.71
C ARG B 7 0.24 -16.95 3.24
N ARG B 8 0.41 -18.24 3.67
CA ARG B 8 0.36 -18.74 5.05
C ARG B 8 1.21 -17.89 5.98
N TYR B 9 2.47 -17.68 5.59
CA TYR B 9 3.44 -16.92 6.35
C TYR B 9 3.19 -15.43 6.28
N GLU B 10 2.65 -14.93 5.16
CA GLU B 10 2.30 -13.52 5.04
C GLU B 10 1.17 -13.19 6.01
N ASN B 11 0.18 -14.08 6.10
CA ASN B 11 -0.93 -13.93 7.03
C ASN B 11 -0.47 -14.03 8.47
N GLU B 12 0.50 -14.93 8.75
CA GLU B 12 1.11 -15.11 10.07
C GLU B 12 1.84 -13.83 10.49
N LEU B 13 2.61 -13.22 9.57
CA LEU B 13 3.31 -11.98 9.87
C LEU B 13 2.32 -10.84 10.10
N VAL B 14 1.23 -10.81 9.32
CA VAL B 14 0.22 -9.77 9.47
C VAL B 14 -0.45 -9.90 10.85
N GLU B 15 -0.80 -11.12 11.27
CA GLU B 15 -1.40 -11.32 12.60
C GLU B 15 -0.41 -10.99 13.74
N LEU B 16 0.86 -11.37 13.61
CA LEU B 16 1.87 -11.05 14.61
C LEU B 16 2.07 -9.54 14.75
N LEU B 17 2.07 -8.80 13.62
CA LEU B 17 2.23 -7.35 13.64
C LEU B 17 0.99 -6.68 14.21
N LYS B 18 -0.21 -7.18 13.85
CA LYS B 18 -1.45 -6.63 14.38
C LYS B 18 -1.53 -6.90 15.90
N GLN B 19 -0.98 -8.03 16.38
CA GLN B 19 -0.98 -8.33 17.81
C GLN B 19 -0.11 -7.33 18.55
N ARG B 20 1.05 -6.95 17.99
CA ARG B 20 1.94 -5.96 18.60
C ARG B 20 1.48 -4.49 18.43
N GLY B 21 0.29 -4.28 17.89
CA GLY B 21 -0.28 -2.93 17.73
C GLY B 21 -0.04 -2.23 16.41
N PHE B 22 0.45 -2.93 15.39
CA PHE B 22 0.69 -2.33 14.08
C PHE B 22 -0.53 -2.44 13.17
N THR B 23 -0.69 -1.51 12.22
CA THR B 23 -1.74 -1.63 11.21
C THR B 23 -1.05 -2.30 10.02
N ALA B 24 -1.34 -3.58 9.80
CA ALA B 24 -0.72 -4.35 8.72
C ALA B 24 -1.77 -5.13 7.92
N TRP B 25 -1.45 -5.44 6.66
CA TRP B 25 -2.36 -6.20 5.79
C TRP B 25 -1.63 -6.88 4.60
N ARG B 26 -2.30 -7.78 3.87
CA ARG B 26 -1.68 -8.50 2.75
C ARG B 26 -2.15 -8.06 1.33
N VAL B 27 -1.17 -7.94 0.41
CA VAL B 27 -1.42 -7.60 -1.00
C VAL B 27 -0.83 -8.71 -1.91
N PRO B 28 -1.69 -9.43 -2.65
CA PRO B 28 -1.20 -10.53 -3.50
C PRO B 28 -0.20 -10.17 -4.62
N LEU B 29 -0.47 -9.09 -5.41
CA LEU B 29 0.36 -8.60 -6.52
C LEU B 29 0.56 -9.64 -7.62
N SER B 39 3.57 -11.07 -4.40
CA SER B 39 3.32 -11.59 -3.05
C SER B 39 3.94 -10.67 -1.96
N ASP B 40 3.21 -9.61 -1.59
CA ASP B 40 3.69 -8.59 -0.66
C ASP B 40 2.79 -8.33 0.60
N VAL B 41 3.39 -7.77 1.68
CA VAL B 41 2.68 -7.37 2.91
C VAL B 41 2.83 -5.82 3.13
N ARG B 42 1.81 -5.11 3.64
CA ARG B 42 1.94 -3.66 3.90
C ARG B 42 1.88 -3.33 5.39
N VAL B 43 2.67 -2.33 5.86
CA VAL B 43 2.65 -1.95 7.27
C VAL B 43 2.61 -0.41 7.41
N MSE B 44 1.95 0.08 8.47
CA MSE B 44 1.87 1.51 8.72
C MSE B 44 2.91 1.88 9.77
O MSE B 44 2.92 1.27 10.84
CB MSE B 44 0.49 1.89 9.21
CG MSE B 44 -0.59 1.67 8.16
SE MSE B 44 -0.41 2.85 6.60
CE MSE B 44 -0.81 4.63 7.45
N LEU B 45 3.83 2.83 9.44
CA LEU B 45 4.90 3.30 10.32
C LEU B 45 4.95 4.79 10.25
N ALA B 46 4.65 5.47 11.37
CA ALA B 46 4.60 6.96 11.45
C ALA B 46 3.60 7.58 10.51
N GLY B 47 2.54 6.85 10.18
CA GLY B 47 1.50 7.38 9.29
C GLY B 47 1.83 7.20 7.81
N GLN B 48 2.80 6.31 7.48
CA GLN B 48 3.23 6.03 6.11
C GLN B 48 3.15 4.52 5.84
N GLU B 49 2.72 4.15 4.63
CA GLU B 49 2.60 2.76 4.24
C GLU B 49 3.94 2.26 3.71
N HIS B 50 4.35 1.07 4.11
CA HIS B 50 5.60 0.48 3.66
C HIS B 50 5.40 -0.93 3.18
N ARG B 51 6.02 -1.29 2.04
CA ARG B 51 5.94 -2.64 1.52
C ARG B 51 6.89 -3.48 2.35
N VAL B 52 6.46 -4.66 2.76
CA VAL B 52 7.27 -5.63 3.49
C VAL B 52 7.41 -6.86 2.61
N GLU B 53 8.66 -7.22 2.29
CA GLU B 53 8.93 -8.42 1.51
C GLU B 53 9.00 -9.59 2.45
N VAL B 54 8.34 -10.68 2.10
CA VAL B 54 8.32 -11.87 2.95
C VAL B 54 9.04 -13.04 2.30
N LYS B 55 10.02 -13.61 2.99
CA LYS B 55 10.76 -14.79 2.51
C LYS B 55 10.72 -15.86 3.59
N MSE B 56 10.48 -17.13 3.20
CA MSE B 56 10.46 -18.21 4.18
C MSE B 56 11.50 -19.22 3.77
O MSE B 56 11.48 -19.66 2.64
CB MSE B 56 9.07 -18.86 4.24
CG MSE B 56 8.91 -19.81 5.45
SE MSE B 56 9.55 -21.72 5.23
CE MSE B 56 9.77 -22.17 7.23
N ARG B 57 12.40 -19.58 4.67
CA ARG B 57 13.41 -20.61 4.40
C ARG B 57 13.41 -21.70 5.46
N SER B 58 13.60 -22.96 5.07
CA SER B 58 13.55 -24.14 5.94
C SER B 58 14.68 -24.25 6.96
N THR B 59 15.86 -23.70 6.66
CA THR B 59 17.01 -23.82 7.54
C THR B 59 17.76 -22.49 7.54
N PRO B 60 18.56 -22.20 8.58
CA PRO B 60 19.34 -20.96 8.57
C PRO B 60 20.30 -20.86 7.38
N GLN B 61 20.83 -21.98 6.92
CA GLN B 61 21.73 -22.06 5.78
C GLN B 61 21.00 -21.63 4.51
N ALA B 62 19.76 -22.09 4.31
CA ALA B 62 18.97 -21.73 3.13
C ALA B 62 18.64 -20.23 3.07
N ALA B 63 18.56 -19.58 4.22
CA ALA B 63 18.30 -18.16 4.34
C ALA B 63 19.58 -17.33 4.52
N SER B 64 20.78 -17.94 4.44
CA SER B 64 22.06 -17.26 4.64
C SER B 64 22.11 -16.55 6.01
N ALA B 65 21.57 -17.19 7.05
CA ALA B 65 21.47 -16.62 8.39
C ALA B 65 22.26 -17.35 9.47
N THR B 66 23.02 -18.40 9.13
CA THR B 66 23.76 -19.18 10.13
C THR B 66 24.66 -18.32 11.03
N ARG B 67 25.51 -17.49 10.45
CA ARG B 67 26.38 -16.59 11.21
C ARG B 67 25.62 -15.34 11.74
N ILE B 68 24.42 -15.06 11.23
CA ILE B 68 23.62 -13.91 11.63
C ILE B 68 22.97 -14.07 13.01
N LEU B 69 22.29 -15.21 13.25
CA LEU B 69 21.51 -15.53 14.45
C LEU B 69 22.12 -15.09 15.77
N SER B 70 23.41 -15.35 15.99
CA SER B 70 24.07 -14.95 17.23
C SER B 70 24.40 -13.45 17.33
N LYS B 71 24.37 -12.72 16.21
CA LYS B 71 24.69 -11.31 16.13
C LYS B 71 23.47 -10.39 16.36
N LEU B 72 22.25 -10.88 16.12
CA LEU B 72 21.04 -10.08 16.28
C LEU B 72 20.85 -9.58 17.71
N PRO B 73 20.45 -8.30 17.91
CA PRO B 73 20.23 -7.26 16.89
C PRO B 73 21.49 -6.48 16.54
N PHE B 74 21.60 -6.07 15.30
CA PHE B 74 22.76 -5.30 14.83
C PHE B 74 22.39 -4.40 13.67
N SER B 75 23.26 -3.46 13.35
CA SER B 75 23.09 -2.56 12.24
C SER B 75 24.15 -2.88 11.20
N CYS B 76 23.75 -3.04 9.94
CA CYS B 76 24.69 -3.37 8.88
C CYS B 76 24.20 -2.78 7.56
N GLN B 77 25.07 -2.02 6.91
CA GLN B 77 24.83 -1.35 5.64
C GLN B 77 23.58 -0.45 5.59
N GLY B 78 23.21 0.10 6.75
CA GLY B 78 22.06 1.00 6.83
C GLY B 78 20.77 0.34 7.25
N TYR B 79 20.84 -0.90 7.73
CA TYR B 79 19.68 -1.66 8.14
C TYR B 79 19.85 -2.22 9.52
N ARG B 80 18.80 -2.21 10.28
CA ARG B 80 18.78 -2.84 11.58
C ARG B 80 18.17 -4.21 11.36
N VAL B 81 18.87 -5.25 11.79
CA VAL B 81 18.41 -6.62 11.62
C VAL B 81 18.12 -7.18 13.01
N PHE B 82 16.90 -7.67 13.25
CA PHE B 82 16.49 -8.11 14.57
C PHE B 82 15.39 -9.15 14.53
N PHE B 83 15.16 -9.85 15.64
CA PHE B 83 14.08 -10.83 15.75
C PHE B 83 12.80 -10.06 16.01
N LEU B 84 11.70 -10.41 15.32
CA LEU B 84 10.42 -9.72 15.42
C LEU B 84 10.02 -9.21 16.85
N GLU B 85 10.09 -10.03 17.91
CA GLU B 85 9.67 -9.56 19.23
C GLU B 85 10.75 -8.68 20.02
N ALA B 86 12.06 -8.76 19.62
CA ALA B 86 13.21 -8.11 20.26
C ALA B 86 13.20 -6.58 20.29
N LEU B 87 13.34 -6.02 21.50
CA LEU B 87 13.46 -4.58 21.72
C LEU B 87 14.82 -4.20 22.35
N ASP B 88 15.77 -5.16 22.48
CA ASP B 88 17.09 -4.93 23.07
C ASP B 88 17.97 -4.01 22.22
N SER B 89 18.90 -3.28 22.87
CA SER B 89 19.79 -2.34 22.18
C SER B 89 20.80 -3.01 21.25
N GLN B 90 20.97 -2.41 20.05
CA GLN B 90 21.87 -2.84 18.98
C GLN B 90 23.34 -2.58 19.33
N CYS B 98 31.21 -4.71 9.71
CA CYS B 98 29.75 -4.66 9.62
C CYS B 98 29.10 -5.70 10.54
N LYS B 100 29.25 -5.12 4.40
CA LYS B 100 28.49 -6.17 3.74
C LYS B 100 27.40 -6.76 4.59
N LEU B 101 26.23 -7.03 3.99
CA LEU B 101 25.01 -7.67 4.55
C LEU B 101 24.83 -9.03 3.79
N PRO B 102 24.04 -10.04 4.27
CA PRO B 102 23.90 -11.29 3.48
C PRO B 102 23.46 -11.01 2.04
N LYS B 103 24.31 -11.37 1.03
CA LYS B 103 24.04 -11.05 -0.39
C LYS B 103 22.63 -11.45 -0.88
N ASN B 104 22.11 -12.60 -0.41
CA ASN B 104 20.78 -13.04 -0.80
C ASN B 104 19.68 -12.08 -0.31
N TRP B 105 19.93 -11.41 0.82
CA TRP B 105 19.00 -10.46 1.43
C TRP B 105 18.84 -9.16 0.64
N VAL B 106 19.92 -8.63 0.05
CA VAL B 106 19.82 -7.42 -0.75
C VAL B 106 18.95 -7.68 -2.01
N ARG B 107 19.12 -8.88 -2.61
CA ARG B 107 18.34 -9.30 -3.78
C ARG B 107 16.86 -9.55 -3.39
N TRP B 108 16.63 -10.07 -2.18
CA TRP B 108 15.28 -10.33 -1.69
C TRP B 108 14.46 -9.07 -1.40
N LEU B 109 15.13 -7.95 -1.08
CA LEU B 109 14.42 -6.67 -0.86
C LEU B 109 13.70 -6.26 -2.16
N ASN B 110 14.37 -6.48 -3.31
CA ASN B 110 13.85 -6.32 -4.66
C ASN B 110 13.05 -5.06 -4.95
N GLY B 111 13.32 -3.99 -4.22
CA GLY B 111 12.62 -2.72 -4.43
C GLY B 111 11.97 -2.23 -3.16
N ALA B 112 11.46 -3.17 -2.34
CA ALA B 112 10.87 -2.83 -1.05
C ALA B 112 12.00 -2.34 -0.10
N HIS B 113 11.63 -1.81 1.08
CA HIS B 113 12.63 -1.32 2.03
C HIS B 113 12.67 -2.14 3.33
N ILE B 114 11.65 -2.95 3.61
CA ILE B 114 11.60 -3.82 4.77
C ILE B 114 11.56 -5.26 4.29
N LEU B 115 12.33 -6.14 4.93
CA LEU B 115 12.36 -7.56 4.60
C LEU B 115 12.07 -8.38 5.86
N ALA B 116 11.16 -9.34 5.76
CA ALA B 116 10.80 -10.23 6.85
C ALA B 116 11.18 -11.65 6.43
N VAL B 117 12.17 -12.25 7.10
CA VAL B 117 12.64 -13.61 6.80
C VAL B 117 12.10 -14.52 7.89
N ARG B 118 11.43 -15.59 7.50
CA ARG B 118 10.86 -16.57 8.41
C ARG B 118 11.66 -17.86 8.34
N LEU B 119 12.13 -18.34 9.49
CA LEU B 119 12.85 -19.61 9.64
C LEU B 119 12.03 -20.45 10.63
N PRO B 120 12.18 -21.78 10.68
CA PRO B 120 11.48 -22.54 11.74
C PRO B 120 11.92 -22.04 13.13
N LYS B 121 10.98 -21.87 14.09
CA LYS B 121 11.30 -21.38 15.44
C LYS B 121 12.35 -22.24 16.15
N ARG B 122 12.47 -23.55 15.82
CA ARG B 122 13.48 -24.37 16.45
C ARG B 122 14.89 -23.88 16.20
N PHE B 123 15.09 -23.06 15.16
CA PHE B 123 16.40 -22.56 14.80
C PHE B 123 16.66 -21.17 15.43
N THR B 124 15.63 -20.33 15.49
CA THR B 124 15.77 -18.99 16.02
C THR B 124 15.60 -18.93 17.53
N SER B 125 14.72 -19.79 18.08
CA SER B 125 14.40 -19.75 19.51
C SER B 125 15.61 -19.87 20.42
N PRO B 126 16.67 -20.73 20.23
CA PRO B 126 17.80 -20.71 21.17
C PRO B 126 18.60 -19.40 21.19
N TYR B 127 18.40 -18.56 20.20
CA TYR B 127 19.03 -17.26 20.10
C TYR B 127 18.11 -16.10 20.57
N GLY B 128 16.86 -16.38 20.94
CA GLY B 128 15.92 -15.38 21.39
C GLY B 128 14.81 -15.03 20.42
N GLY B 129 14.77 -15.66 19.25
CA GLY B 129 13.73 -15.43 18.28
C GLY B 129 12.60 -16.42 18.44
N LEU B 130 11.64 -16.06 19.29
CA LEU B 130 10.49 -16.87 19.63
C LEU B 130 9.55 -17.18 18.47
N THR B 131 9.36 -16.22 17.56
CA THR B 131 8.41 -16.36 16.45
C THR B 131 9.01 -16.95 15.19
N GLY B 132 10.31 -16.89 15.03
CA GLY B 132 10.97 -17.39 13.84
C GLY B 132 11.25 -16.36 12.78
N TRP B 133 10.81 -15.11 12.98
CA TRP B 133 10.95 -13.99 12.06
C TRP B 133 12.14 -13.08 12.38
N ILE B 134 12.83 -12.69 11.34
CA ILE B 134 13.92 -11.75 11.37
C ILE B 134 13.47 -10.57 10.52
N ILE B 135 13.52 -9.36 11.08
CA ILE B 135 13.13 -8.14 10.38
C ILE B 135 14.36 -7.35 9.97
N VAL B 136 14.45 -7.02 8.71
CA VAL B 136 15.52 -6.19 8.18
C VAL B 136 14.79 -4.88 7.84
N LEU B 137 15.06 -3.84 8.62
CA LEU B 137 14.37 -2.57 8.52
C LEU B 137 15.37 -1.46 8.33
N PRO B 138 15.09 -0.44 7.51
CA PRO B 138 16.03 0.69 7.40
C PRO B 138 16.24 1.36 8.76
N ASP B 139 17.43 1.90 9.00
CA ASP B 139 17.73 2.60 10.24
C ASP B 139 16.82 3.84 10.42
N THR B 140 16.39 4.49 9.32
CA THR B 140 15.48 5.63 9.43
C THR B 140 14.13 5.20 10.04
N LEU B 141 13.69 3.95 9.79
CA LEU B 141 12.40 3.49 10.27
C LEU B 141 12.41 2.90 11.67
N TRP B 142 13.59 2.67 12.28
CA TRP B 142 13.70 2.07 13.62
C TRP B 142 13.01 2.88 14.71
N ASP B 143 13.10 4.22 14.67
CA ASP B 143 12.46 5.04 15.67
C ASP B 143 10.95 4.90 15.60
N ALA B 144 10.38 4.96 14.37
CA ALA B 144 8.95 4.77 14.17
C ALA B 144 8.47 3.38 14.58
N TRP B 145 9.20 2.30 14.22
CA TRP B 145 8.84 0.91 14.53
C TRP B 145 8.67 0.69 16.04
N ARG B 146 9.61 1.22 16.84
CA ARG B 146 9.58 1.12 18.30
C ARG B 146 8.44 1.93 18.91
N SER B 147 8.05 3.06 18.28
CA SER B 147 6.95 3.88 18.80
C SER B 147 5.57 3.50 18.23
N GLU B 148 5.42 2.23 17.83
CA GLU B 148 4.16 1.63 17.35
C GLU B 148 3.81 0.34 18.15
N MSE B 149 4.60 0.02 19.20
CA MSE B 149 4.45 -1.13 20.08
C MSE B 149 4.06 -0.67 21.52
O MSE B 149 3.98 0.53 21.79
CB MSE B 149 5.77 -1.92 20.11
CG MSE B 149 5.93 -2.85 18.94
SE MSE B 149 7.67 -3.75 18.95
CE MSE B 149 7.27 -5.28 17.79
N SER B 150 3.83 -1.65 22.42
CA SER B 150 3.48 -1.43 23.84
C SER B 150 2.36 -0.42 24.06
S SO4 C . -24.37 16.05 -2.60
O1 SO4 C . -25.64 16.50 -3.12
O2 SO4 C . -24.54 14.85 -1.80
O3 SO4 C . -23.55 15.75 -3.76
O4 SO4 C . -23.71 17.11 -1.86
S SO4 D . -13.72 24.67 -17.49
O1 SO4 D . -13.97 23.29 -17.91
O2 SO4 D . -13.96 24.85 -16.05
O3 SO4 D . -12.32 25.01 -17.79
O4 SO4 D . -14.59 25.59 -18.23
S SO4 E . 0.10 4.02 -8.41
O1 SO4 E . -0.51 3.02 -9.29
O2 SO4 E . 0.15 3.49 -7.04
O3 SO4 E . -0.73 5.23 -8.41
O4 SO4 E . 1.44 4.32 -8.90
S SO4 F . -7.76 19.63 -1.40
O1 SO4 F . -9.06 19.15 -1.92
O2 SO4 F . -7.08 18.54 -0.72
O3 SO4 F . -6.92 20.11 -2.52
O4 SO4 F . -7.98 20.73 -0.44
S SO4 G . 7.66 -23.56 12.95
O1 SO4 G . 6.97 -23.83 11.71
O2 SO4 G . 6.92 -23.93 14.17
O3 SO4 G . 7.99 -22.17 13.04
O4 SO4 G . 8.86 -24.34 12.90
S SO4 H . 25.79 -18.49 6.44
O1 SO4 H . 24.75 -19.38 5.94
O2 SO4 H . 25.24 -17.53 7.40
O3 SO4 H . 26.37 -17.74 5.32
O4 SO4 H . 26.85 -19.27 7.09
S SO4 I . 8.23 1.53 0.47
O1 SO4 I . 8.23 2.29 1.71
O2 SO4 I . 6.88 1.01 0.21
O3 SO4 I . 9.17 0.42 0.60
O4 SO4 I . 8.68 2.40 -0.62
S SO4 J . 10.17 -17.86 -2.58
O1 SO4 J . 10.17 -17.32 -1.23
O2 SO4 J . 9.82 -19.29 -2.53
O3 SO4 J . 11.51 -17.72 -3.18
O4 SO4 J . 9.22 -17.14 -3.42
#